data_4PIQ
#
_entry.id   4PIQ
#
_cell.length_a   42.269
_cell.length_b   42.269
_cell.length_c   193.784
_cell.angle_alpha   90.000
_cell.angle_beta   90.000
_cell.angle_gamma   120.000
#
_symmetry.space_group_name_H-M   'P 32 2 1'
#
loop_
_entity.id
_entity.type
_entity.pdbx_description
1 polymer Protease
2 polymer PVI
3 non-polymer N-[(3,5-dichlorophenyl)acetyl]-L-threonyl-N-[(2Z)-2-iminoethyl]glycinamide
4 water water
#
loop_
_entity_poly.entity_id
_entity_poly.type
_entity_poly.pdbx_seq_one_letter_code
_entity_poly.pdbx_strand_id
1 'polypeptide(L)'
;SGSSEQELAAIVRDLGCGPYFLGTHDKRFPGFLAGNKLACAIVNTAGRETGGVHWLAFGWNPRSRTCYMFDPFGFSDRRL
KQIYSFEYEAMLRRSALALSPDRCLSLEQSTQTVQGPDSAACGLFCCMFLHAFVHWPDRPMDGNPTMNLLTGVPNGMLQS
PQVLPTLRRNQEKLYRFLAHHSPYFRSHRAAIEHATAFDKMKQL
;
A
2 'polypeptide(L)' GVKSLKRRRCY B
#
# COMPACT_ATOMS: atom_id res chain seq x y z
N SER A 1 8.46 -11.87 12.08
CA SER A 1 9.04 -10.86 11.20
C SER A 1 7.93 -10.21 10.33
N GLY A 2 7.53 -8.99 10.69
CA GLY A 2 6.52 -8.24 9.94
C GLY A 2 5.08 -8.59 10.27
N SER A 3 4.17 -8.36 9.29
CA SER A 3 2.72 -8.60 9.42
C SER A 3 2.23 -9.81 8.62
N SER A 4 1.38 -10.65 9.24
CA SER A 4 0.79 -11.85 8.60
C SER A 4 -0.49 -11.40 7.85
N GLU A 5 -1.00 -12.21 6.94
CA GLU A 5 -2.21 -11.84 6.20
C GLU A 5 -3.46 -11.72 7.09
N GLN A 6 -3.56 -12.53 8.16
CA GLN A 6 -4.67 -12.52 9.14
C GLN A 6 -4.74 -11.19 9.88
N GLU A 7 -3.57 -10.71 10.33
CA GLU A 7 -3.35 -9.47 11.06
C GLU A 7 -3.85 -8.28 10.22
N LEU A 8 -3.41 -8.19 8.96
CA LEU A 8 -3.82 -7.11 8.05
C LEU A 8 -5.32 -7.13 7.70
N ALA A 9 -5.91 -8.34 7.50
CA ALA A 9 -7.35 -8.52 7.18
C ALA A 9 -8.23 -7.93 8.28
N ALA A 10 -7.84 -8.19 9.54
CA ALA A 10 -8.52 -7.70 10.74
C ALA A 10 -8.43 -6.21 10.89
N ILE A 11 -7.26 -5.60 10.54
CA ILE A 11 -7.08 -4.16 10.68
C ILE A 11 -7.85 -3.43 9.59
N VAL A 12 -7.75 -3.91 8.34
CA VAL A 12 -8.47 -3.35 7.20
C VAL A 12 -10.00 -3.27 7.47
N ARG A 13 -10.57 -4.32 8.08
CA ARG A 13 -11.98 -4.38 8.49
C ARG A 13 -12.26 -3.32 9.55
N ASP A 14 -11.38 -3.25 10.58
CA ASP A 14 -11.52 -2.28 11.69
C ASP A 14 -11.53 -0.83 11.20
N LEU A 15 -10.91 -0.56 10.04
CA LEU A 15 -10.76 0.78 9.46
C LEU A 15 -11.92 1.22 8.53
N GLY A 16 -12.90 0.33 8.33
CA GLY A 16 -14.07 0.57 7.49
C GLY A 16 -13.88 0.26 6.01
N CYS A 17 -12.97 -0.67 5.67
CA CYS A 17 -12.61 -1.08 4.30
C CYS A 17 -13.36 -2.30 3.82
N GLY A 18 -13.73 -3.19 4.77
CA GLY A 18 -14.45 -4.45 4.58
C GLY A 18 -15.37 -4.61 3.38
N PRO A 19 -16.41 -3.72 3.21
CA PRO A 19 -17.31 -3.83 2.04
C PRO A 19 -16.63 -3.74 0.68
N TYR A 20 -15.53 -2.96 0.59
CA TYR A 20 -14.75 -2.73 -0.63
C TYR A 20 -13.52 -3.64 -0.78
N PHE A 21 -13.13 -4.34 0.29
CA PHE A 21 -11.91 -5.16 0.33
C PHE A 21 -12.01 -6.51 -0.36
N LEU A 22 -11.04 -6.77 -1.28
CA LEU A 22 -10.91 -8.02 -2.06
C LEU A 22 -10.03 -9.07 -1.42
N GLY A 23 -9.50 -8.80 -0.23
CA GLY A 23 -8.63 -9.74 0.47
C GLY A 23 -7.13 -9.51 0.29
N THR A 24 -6.33 -10.43 0.86
CA THR A 24 -4.86 -10.43 0.83
C THR A 24 -4.39 -11.48 -0.13
N HIS A 25 -3.38 -11.12 -0.94
CA HIS A 25 -2.87 -11.99 -1.99
C HIS A 25 -1.38 -11.90 -2.14
N ASP A 26 -0.84 -12.87 -2.87
CA ASP A 26 0.53 -12.93 -3.30
C ASP A 26 0.58 -12.19 -4.68
N LYS A 27 1.75 -12.19 -5.34
CA LYS A 27 2.00 -11.52 -6.64
C LYS A 27 1.02 -11.89 -7.77
N ARG A 28 0.30 -13.04 -7.68
CA ARG A 28 -0.64 -13.48 -8.71
C ARG A 28 -2.09 -12.93 -8.51
N PHE A 29 -2.23 -11.80 -7.79
CA PHE A 29 -3.53 -11.14 -7.62
C PHE A 29 -4.10 -10.84 -9.02
N PRO A 30 -5.36 -11.23 -9.33
CA PRO A 30 -5.87 -11.02 -10.69
C PRO A 30 -6.07 -9.56 -11.11
N GLY A 31 -6.64 -8.77 -10.21
CA GLY A 31 -6.94 -7.37 -10.49
C GLY A 31 -8.37 -7.06 -10.16
N PHE A 32 -8.85 -5.92 -10.63
CA PHE A 32 -10.22 -5.49 -10.41
C PHE A 32 -11.02 -5.95 -11.67
N LEU A 33 -11.74 -7.06 -11.52
CA LEU A 33 -12.46 -7.69 -12.63
C LEU A 33 -13.96 -7.83 -12.42
N ALA A 34 -14.41 -8.18 -11.18
CA ALA A 34 -15.81 -8.44 -10.83
C ALA A 34 -16.83 -7.38 -11.31
N GLY A 35 -16.59 -6.10 -10.99
CA GLY A 35 -17.49 -5.01 -11.36
C GLY A 35 -16.83 -3.65 -11.22
N ASN A 36 -17.44 -2.60 -11.82
CA ASN A 36 -16.91 -1.23 -11.79
C ASN A 36 -17.36 -0.45 -10.54
N LYS A 37 -16.91 -0.92 -9.36
CA LYS A 37 -17.22 -0.36 -8.05
C LYS A 37 -15.93 0.13 -7.37
N LEU A 38 -16.05 0.72 -6.16
CA LEU A 38 -14.89 1.17 -5.38
C LEU A 38 -14.34 -0.08 -4.74
N ALA A 39 -13.06 -0.41 -5.02
CA ALA A 39 -12.43 -1.63 -4.55
C ALA A 39 -10.96 -1.47 -4.13
N CYS A 40 -10.45 -2.43 -3.34
CA CYS A 40 -9.06 -2.44 -2.87
C CYS A 40 -8.56 -3.84 -2.49
N ALA A 41 -7.22 -4.00 -2.42
CA ALA A 41 -6.54 -5.22 -2.01
C ALA A 41 -5.19 -4.90 -1.37
N ILE A 42 -4.60 -5.90 -0.69
CA ILE A 42 -3.28 -5.92 -0.09
C ILE A 42 -2.57 -7.08 -0.78
N VAL A 43 -1.49 -6.76 -1.52
CA VAL A 43 -0.76 -7.71 -2.37
C VAL A 43 0.72 -7.84 -2.01
N ASN A 44 1.24 -9.09 -2.00
CA ASN A 44 2.64 -9.35 -1.72
C ASN A 44 3.44 -9.39 -3.02
N THR A 45 4.70 -8.91 -2.98
CA THR A 45 5.62 -8.90 -4.14
C THR A 45 5.98 -10.30 -4.56
N ALA A 46 6.02 -11.23 -3.61
CA ALA A 46 6.39 -12.60 -3.88
C ALA A 46 5.19 -13.53 -3.92
N GLY A 47 5.41 -14.73 -4.44
CA GLY A 47 4.38 -15.78 -4.49
C GLY A 47 4.32 -16.48 -3.16
N ARG A 48 3.12 -16.97 -2.78
CA ARG A 48 2.84 -17.67 -1.51
C ARG A 48 3.90 -18.68 -1.08
N GLU A 49 4.47 -19.41 -2.08
CA GLU A 49 5.50 -20.44 -1.94
C GLU A 49 6.83 -19.94 -1.28
N THR A 50 7.19 -18.67 -1.48
CA THR A 50 8.39 -18.08 -0.86
C THR A 50 8.15 -17.85 0.66
N GLY A 51 6.90 -17.60 1.03
CA GLY A 51 6.47 -17.30 2.39
C GLY A 51 6.10 -15.83 2.53
N GLY A 52 6.36 -15.05 1.50
CA GLY A 52 6.08 -13.62 1.45
C GLY A 52 7.31 -12.77 1.73
N VAL A 53 7.38 -11.59 1.09
CA VAL A 53 8.52 -10.67 1.21
C VAL A 53 8.06 -9.23 1.53
N HIS A 54 7.36 -8.55 0.58
CA HIS A 54 6.96 -7.15 0.81
C HIS A 54 5.46 -6.90 0.59
N TRP A 55 4.83 -6.08 1.42
CA TRP A 55 3.41 -5.78 1.27
C TRP A 55 3.11 -4.48 0.45
N LEU A 56 2.13 -4.54 -0.52
CA LEU A 56 1.66 -3.38 -1.33
C LEU A 56 0.11 -3.24 -1.25
N ALA A 57 -0.43 -2.03 -1.52
CA ALA A 57 -1.88 -1.80 -1.52
C ALA A 57 -2.34 -1.28 -2.90
N PHE A 58 -3.46 -1.81 -3.41
CA PHE A 58 -4.02 -1.45 -4.71
C PHE A 58 -5.45 -1.01 -4.51
N GLY A 59 -5.80 0.13 -5.12
CA GLY A 59 -7.14 0.71 -5.08
C GLY A 59 -7.68 0.94 -6.47
N TRP A 60 -9.02 0.87 -6.63
CA TRP A 60 -9.70 1.14 -7.90
C TRP A 60 -10.79 2.17 -7.69
N ASN A 61 -10.68 3.31 -8.38
CA ASN A 61 -11.71 4.30 -8.32
C ASN A 61 -12.47 4.24 -9.66
N PRO A 62 -13.77 3.84 -9.65
CA PRO A 62 -14.52 3.78 -10.92
C PRO A 62 -14.81 5.14 -11.58
N ARG A 63 -14.98 6.22 -10.77
CA ARG A 63 -15.29 7.58 -11.23
C ARG A 63 -14.22 8.21 -12.12
N SER A 64 -12.95 7.83 -11.93
CA SER A 64 -11.85 8.35 -12.74
C SER A 64 -11.18 7.26 -13.59
N ARG A 65 -11.52 5.97 -13.33
CA ARG A 65 -10.91 4.77 -13.92
C ARG A 65 -9.41 4.76 -13.58
N THR A 66 -9.12 4.92 -12.28
CA THR A 66 -7.74 4.96 -11.75
C THR A 66 -7.40 3.75 -10.89
N CYS A 67 -6.25 3.14 -11.20
CA CYS A 67 -5.69 2.12 -10.34
C CYS A 67 -4.62 2.80 -9.51
N TYR A 68 -4.82 2.84 -8.18
CA TYR A 68 -3.84 3.41 -7.28
C TYR A 68 -2.94 2.29 -6.83
N MET A 69 -1.60 2.50 -6.86
CA MET A 69 -0.66 1.48 -6.39
CA MET A 69 -0.65 1.48 -6.36
C MET A 69 0.18 2.13 -5.28
N PHE A 70 0.03 1.66 -4.05
CA PHE A 70 0.77 2.20 -2.90
C PHE A 70 1.86 1.26 -2.43
N ASP A 71 3.12 1.72 -2.50
CA ASP A 71 4.31 1.06 -1.97
C ASP A 71 4.78 2.04 -0.92
N PRO A 72 4.83 1.62 0.37
CA PRO A 72 5.25 2.55 1.44
C PRO A 72 6.60 3.24 1.16
N PHE A 73 7.49 2.54 0.45
CA PHE A 73 8.82 3.00 0.05
C PHE A 73 8.81 3.94 -1.19
N GLY A 74 7.67 4.01 -1.90
CA GLY A 74 7.48 4.80 -3.10
C GLY A 74 8.43 4.48 -4.22
N PHE A 75 8.80 3.18 -4.39
CA PHE A 75 9.72 2.73 -5.46
C PHE A 75 9.01 2.82 -6.80
N SER A 76 9.79 2.83 -7.88
CA SER A 76 9.24 2.88 -9.23
C SER A 76 8.98 1.44 -9.66
N ASP A 77 8.21 1.22 -10.74
CA ASP A 77 7.97 -0.13 -11.24
C ASP A 77 9.28 -0.85 -11.58
N ARG A 78 10.24 -0.10 -12.18
CA ARG A 78 11.55 -0.63 -12.59
C ARG A 78 12.31 -1.11 -11.33
N ARG A 79 12.22 -0.35 -10.26
CA ARG A 79 12.87 -0.62 -8.99
C ARG A 79 12.15 -1.70 -8.21
N LEU A 80 10.82 -1.84 -8.34
CA LEU A 80 10.08 -2.93 -7.71
C LEU A 80 10.46 -4.24 -8.37
N LYS A 81 10.67 -4.21 -9.69
CA LYS A 81 11.05 -5.38 -10.50
C LYS A 81 12.53 -5.82 -10.23
N GLN A 82 13.40 -4.87 -10.04
CA GLN A 82 14.82 -5.15 -9.80
C GLN A 82 15.05 -5.82 -8.41
N ILE A 83 14.49 -5.17 -7.39
CA ILE A 83 14.59 -5.53 -5.97
C ILE A 83 13.74 -6.73 -5.59
N TYR A 84 12.45 -6.72 -6.01
CA TYR A 84 11.49 -7.72 -5.55
C TYR A 84 11.02 -8.75 -6.57
N SER A 85 11.55 -8.69 -7.83
CA SER A 85 11.16 -9.52 -9.00
C SER A 85 9.63 -9.41 -9.20
N PHE A 86 9.08 -8.22 -8.92
CA PHE A 86 7.65 -7.95 -8.99
C PHE A 86 7.24 -6.99 -10.10
N GLU A 87 6.28 -7.44 -10.91
CA GLU A 87 5.69 -6.71 -12.01
C GLU A 87 4.19 -6.97 -12.00
N TYR A 88 3.39 -5.95 -12.30
CA TYR A 88 1.92 -6.03 -12.25
C TYR A 88 1.26 -5.50 -13.55
N GLU A 89 1.94 -5.68 -14.69
CA GLU A 89 1.43 -5.27 -16.01
C GLU A 89 0.17 -6.11 -16.40
N ALA A 90 0.27 -7.44 -16.32
CA ALA A 90 -0.82 -8.35 -16.65
C ALA A 90 -2.09 -8.00 -15.88
N MET A 91 -1.92 -7.58 -14.60
CA MET A 91 -3.00 -7.17 -13.68
CA MET A 91 -3.00 -7.17 -13.68
C MET A 91 -3.70 -5.90 -14.19
N LEU A 92 -2.91 -4.90 -14.62
CA LEU A 92 -3.41 -3.65 -15.16
C LEU A 92 -4.10 -3.92 -16.50
N ARG A 93 -3.62 -4.95 -17.25
CA ARG A 93 -4.22 -5.32 -18.54
CA ARG A 93 -4.20 -5.35 -18.53
C ARG A 93 -5.58 -5.99 -18.29
N ARG A 94 -5.63 -7.05 -17.42
CA ARG A 94 -6.89 -7.77 -17.11
C ARG A 94 -7.97 -6.83 -16.58
N SER A 95 -7.58 -5.82 -15.78
CA SER A 95 -8.45 -4.81 -15.19
C SER A 95 -8.99 -3.82 -16.21
N ALA A 96 -8.12 -3.16 -17.01
CA ALA A 96 -8.51 -2.17 -18.04
C ALA A 96 -9.42 -2.78 -19.09
N LEU A 97 -9.20 -4.08 -19.42
CA LEU A 97 -9.99 -4.83 -20.40
C LEU A 97 -11.35 -5.20 -19.86
N ALA A 98 -11.41 -5.52 -18.56
CA ALA A 98 -12.65 -5.95 -17.93
C ALA A 98 -13.51 -4.81 -17.39
N LEU A 99 -12.92 -3.64 -17.09
CA LEU A 99 -13.67 -2.55 -16.48
C LEU A 99 -13.80 -1.24 -17.25
N SER A 100 -12.83 -0.89 -18.11
CA SER A 100 -12.92 0.39 -18.82
C SER A 100 -13.45 0.26 -20.26
N PRO A 101 -14.30 1.22 -20.72
CA PRO A 101 -14.84 1.14 -22.09
C PRO A 101 -13.81 1.38 -23.19
N ASP A 102 -12.92 2.40 -23.02
CA ASP A 102 -11.85 2.80 -23.94
C ASP A 102 -10.58 1.92 -23.88
N ARG A 103 -10.60 0.84 -23.06
CA ARG A 103 -9.49 -0.10 -22.83
C ARG A 103 -8.24 0.59 -22.19
N CYS A 104 -8.44 1.78 -21.57
CA CYS A 104 -7.41 2.58 -20.91
C CYS A 104 -7.74 2.80 -19.42
N LEU A 105 -6.68 2.85 -18.59
CA LEU A 105 -6.77 3.21 -17.18
C LEU A 105 -5.70 4.23 -16.83
N SER A 106 -5.88 4.90 -15.69
CA SER A 106 -4.86 5.78 -15.18
C SER A 106 -4.20 5.04 -14.03
N LEU A 107 -2.87 5.04 -13.99
CA LEU A 107 -2.09 4.37 -12.96
C LEU A 107 -1.47 5.47 -12.10
N GLU A 108 -1.88 5.56 -10.83
CA GLU A 108 -1.36 6.56 -9.91
C GLU A 108 -0.58 5.92 -8.77
N GLN A 109 0.68 6.36 -8.56
CA GLN A 109 1.57 5.76 -7.58
C GLN A 109 2.50 6.79 -6.95
N SER A 110 2.91 6.52 -5.69
CA SER A 110 3.78 7.36 -4.89
C SER A 110 5.23 7.41 -5.42
N THR A 111 5.86 8.60 -5.27
CA THR A 111 7.28 8.86 -5.63
C THR A 111 8.13 8.98 -4.33
N GLN A 112 7.44 8.89 -3.16
CA GLN A 112 8.02 9.16 -1.85
C GLN A 112 7.91 8.02 -0.86
N THR A 113 8.91 7.90 0.01
CA THR A 113 8.92 6.91 1.10
C THR A 113 8.31 7.53 2.35
N VAL A 114 7.62 6.71 3.13
CA VAL A 114 7.08 7.07 4.44
C VAL A 114 7.71 6.10 5.44
N GLN A 115 8.31 5.04 4.91
CA GLN A 115 8.91 4.00 5.72
C GLN A 115 10.44 4.07 5.75
N GLY A 116 11.02 3.74 6.90
CA GLY A 116 12.45 3.65 7.12
C GLY A 116 13.03 2.41 6.44
N PRO A 117 14.28 2.49 5.97
CA PRO A 117 14.89 1.35 5.24
C PRO A 117 14.97 0.03 5.99
N ASP A 118 14.98 0.09 7.31
CA ASP A 118 15.11 -1.13 8.10
C ASP A 118 13.79 -1.63 8.69
N SER A 119 12.73 -0.81 8.56
CA SER A 119 11.40 -1.07 9.09
C SER A 119 10.68 -2.27 8.46
N ALA A 120 9.86 -2.93 9.30
CA ALA A 120 9.04 -4.10 8.92
C ALA A 120 7.54 -3.80 8.99
N ALA A 121 7.17 -2.48 9.07
CA ALA A 121 5.80 -1.98 9.10
C ALA A 121 5.15 -1.76 7.70
N CYS A 122 5.64 -2.41 6.60
CA CYS A 122 5.03 -2.21 5.27
C CYS A 122 3.56 -2.60 5.22
N GLY A 123 3.21 -3.77 5.78
CA GLY A 123 1.83 -4.22 5.88
C GLY A 123 0.93 -3.19 6.57
N LEU A 124 1.39 -2.62 7.67
CA LEU A 124 0.65 -1.63 8.47
C LEU A 124 0.40 -0.28 7.78
N PHE A 125 1.42 0.31 7.10
CA PHE A 125 1.29 1.56 6.31
C PHE A 125 0.28 1.32 5.18
N CYS A 126 0.26 0.10 4.62
CA CYS A 126 -0.69 -0.30 3.57
C CYS A 126 -2.13 -0.21 4.11
N CYS A 127 -2.38 -0.73 5.35
CA CYS A 127 -3.70 -0.61 6.02
C CYS A 127 -4.12 0.85 6.13
N MET A 128 -3.16 1.73 6.48
CA MET A 128 -3.40 3.17 6.66
C MET A 128 -3.77 3.88 5.33
N PHE A 129 -3.03 3.57 4.24
CA PHE A 129 -3.32 4.13 2.91
C PHE A 129 -4.75 3.65 2.53
N LEU A 130 -5.08 2.34 2.75
CA LEU A 130 -6.43 1.86 2.40
C LEU A 130 -7.53 2.57 3.21
N HIS A 131 -7.24 3.06 4.46
CA HIS A 131 -8.21 3.85 5.23
C HIS A 131 -8.41 5.20 4.51
N ALA A 132 -7.32 5.81 4.02
CA ALA A 132 -7.37 7.07 3.28
C ALA A 132 -8.08 6.85 1.92
N PHE A 133 -7.81 5.70 1.27
CA PHE A 133 -8.44 5.35 0.01
C PHE A 133 -9.98 5.22 0.10
N VAL A 134 -10.50 4.42 1.05
CA VAL A 134 -11.94 4.17 1.16
C VAL A 134 -12.74 5.42 1.60
N HIS A 135 -12.10 6.39 2.25
CA HIS A 135 -12.85 7.58 2.65
C HIS A 135 -12.71 8.72 1.65
N TRP A 136 -11.58 8.76 0.91
CA TRP A 136 -11.32 9.82 -0.08
C TRP A 136 -10.70 9.21 -1.34
N PRO A 137 -11.49 8.44 -2.12
CA PRO A 137 -10.91 7.76 -3.30
C PRO A 137 -10.50 8.65 -4.46
N ASP A 138 -10.88 9.94 -4.42
CA ASP A 138 -10.52 10.92 -5.44
C ASP A 138 -9.16 11.55 -5.19
N ARG A 139 -8.82 11.84 -3.91
CA ARG A 139 -7.54 12.41 -3.45
C ARG A 139 -6.95 11.50 -2.34
N PRO A 140 -6.47 10.27 -2.63
CA PRO A 140 -6.03 9.38 -1.53
C PRO A 140 -4.56 9.45 -1.07
N MET A 141 -3.63 9.76 -1.99
CA MET A 141 -2.17 9.79 -1.73
C MET A 141 -1.73 10.90 -0.78
N ASP A 142 -2.43 12.04 -0.78
CA ASP A 142 -2.12 13.22 0.02
C ASP A 142 -3.36 14.15 0.01
N GLY A 143 -3.37 15.13 0.90
CA GLY A 143 -4.42 16.14 1.01
C GLY A 143 -5.71 15.67 1.64
N ASN A 144 -5.67 14.58 2.44
CA ASN A 144 -6.85 14.09 3.14
C ASN A 144 -6.53 13.87 4.64
N PRO A 145 -7.54 13.89 5.56
CA PRO A 145 -7.25 13.72 7.00
C PRO A 145 -6.35 12.56 7.42
N THR A 146 -6.28 11.43 6.67
CA THR A 146 -5.43 10.29 7.02
C THR A 146 -3.96 10.45 6.53
N MET A 147 -3.78 10.68 5.21
CA MET A 147 -2.43 10.81 4.64
C MET A 147 -1.69 12.09 5.07
N ASN A 148 -2.42 13.16 5.48
CA ASN A 148 -1.84 14.42 5.97
C ASN A 148 -1.01 14.22 7.27
N LEU A 149 -1.26 13.12 7.99
CA LEU A 149 -0.60 12.76 9.26
C LEU A 149 0.83 12.27 9.03
N LEU A 150 1.12 11.77 7.81
CA LEU A 150 2.43 11.29 7.43
C LEU A 150 3.16 12.32 6.57
N THR A 151 4.51 12.20 6.53
CA THR A 151 5.46 13.02 5.77
C THR A 151 6.23 12.16 4.77
N GLY A 152 5.84 12.31 3.51
CA GLY A 152 6.48 11.64 2.40
C GLY A 152 7.74 12.38 2.01
N VAL A 153 8.83 11.64 1.84
CA VAL A 153 10.11 12.21 1.43
C VAL A 153 10.56 11.53 0.12
N PRO A 154 11.27 12.22 -0.81
CA PRO A 154 11.68 11.57 -2.07
C PRO A 154 12.32 10.19 -1.87
N ASN A 155 11.91 9.18 -2.69
CA ASN A 155 12.40 7.77 -2.63
C ASN A 155 13.92 7.65 -2.71
N GLY A 156 14.56 8.54 -3.50
CA GLY A 156 16.00 8.52 -3.73
C GLY A 156 16.82 8.82 -2.48
N MET A 157 16.16 9.45 -1.47
CA MET A 157 16.67 9.84 -0.17
C MET A 157 16.47 8.74 0.91
N LEU A 158 15.89 7.56 0.54
CA LEU A 158 15.54 6.48 1.48
C LEU A 158 16.67 6.02 2.44
N GLN A 159 17.91 5.83 1.92
CA GLN A 159 18.98 5.38 2.82
C GLN A 159 19.92 6.53 3.25
N SER A 160 19.33 7.72 3.55
CA SER A 160 20.08 8.90 4.02
C SER A 160 19.76 9.27 5.49
N PRO A 161 20.78 9.69 6.28
CA PRO A 161 20.54 10.02 7.70
C PRO A 161 19.62 11.21 8.00
N GLN A 162 19.55 12.19 7.10
CA GLN A 162 18.75 13.42 7.24
C GLN A 162 17.24 13.17 7.33
N VAL A 163 16.77 12.05 6.75
CA VAL A 163 15.34 11.74 6.73
C VAL A 163 14.92 10.73 7.81
N LEU A 164 15.86 9.94 8.40
CA LEU A 164 15.54 8.96 9.47
C LEU A 164 14.56 9.50 10.51
N PRO A 165 14.78 10.70 11.12
CA PRO A 165 13.82 11.19 12.13
C PRO A 165 12.41 11.50 11.61
N THR A 166 12.27 11.84 10.31
CA THR A 166 10.97 12.11 9.69
C THR A 166 10.21 10.78 9.54
N LEU A 167 10.93 9.73 9.10
CA LEU A 167 10.42 8.38 8.87
C LEU A 167 10.08 7.65 10.18
N ARG A 168 10.82 7.94 11.27
CA ARG A 168 10.57 7.39 12.59
C ARG A 168 9.28 8.02 13.13
N ARG A 169 9.13 9.35 13.00
CA ARG A 169 7.93 10.08 13.44
C ARG A 169 6.68 9.51 12.74
N ASN A 170 6.80 9.21 11.42
CA ASN A 170 5.78 8.60 10.56
C ASN A 170 5.34 7.22 11.12
N GLN A 171 6.31 6.41 11.59
CA GLN A 171 6.10 5.10 12.20
C GLN A 171 5.36 5.24 13.55
N GLU A 172 5.69 6.29 14.35
CA GLU A 172 5.05 6.59 15.63
C GLU A 172 3.61 7.03 15.41
N LYS A 173 3.37 7.83 14.35
CA LYS A 173 2.03 8.28 14.02
C LYS A 173 1.19 7.19 13.36
N LEU A 174 1.85 6.18 12.72
CA LEU A 174 1.19 5.02 12.12
C LEU A 174 0.49 4.23 13.25
N TYR A 175 1.22 3.98 14.34
CA TYR A 175 0.73 3.26 15.51
C TYR A 175 -0.35 4.04 16.23
N ARG A 176 -0.20 5.38 16.40
CA ARG A 176 -1.22 6.24 17.07
C ARG A 176 -2.55 6.22 16.31
N PHE A 177 -2.49 6.24 14.96
CA PHE A 177 -3.67 6.21 14.09
C PHE A 177 -4.39 4.86 14.27
N LEU A 178 -3.63 3.76 14.13
CA LEU A 178 -4.10 2.39 14.22
C LEU A 178 -4.68 2.06 15.57
N ALA A 179 -3.99 2.44 16.67
CA ALA A 179 -4.49 2.25 18.04
C ALA A 179 -5.83 2.99 18.19
N HIS A 180 -5.98 4.15 17.53
CA HIS A 180 -7.19 4.96 17.56
C HIS A 180 -8.40 4.30 16.85
N HIS A 181 -8.21 3.69 15.67
CA HIS A 181 -9.31 3.10 14.88
C HIS A 181 -9.41 1.55 14.89
N SER A 182 -8.41 0.84 15.41
CA SER A 182 -8.43 -0.61 15.36
C SER A 182 -8.32 -1.35 16.69
N PRO A 183 -9.45 -1.96 17.17
CA PRO A 183 -9.40 -2.82 18.36
C PRO A 183 -8.43 -4.01 18.22
N TYR A 184 -8.30 -4.61 17.01
CA TYR A 184 -7.36 -5.72 16.77
C TYR A 184 -5.94 -5.26 17.10
N PHE A 185 -5.57 -4.06 16.60
CA PHE A 185 -4.25 -3.47 16.84
C PHE A 185 -4.06 -3.27 18.34
N ARG A 186 -4.98 -2.58 19.04
CA ARG A 186 -4.92 -2.34 20.50
C ARG A 186 -4.64 -3.60 21.32
N SER A 187 -5.38 -4.69 21.03
CA SER A 187 -5.28 -5.99 21.70
C SER A 187 -3.98 -6.74 21.43
N HIS A 188 -3.34 -6.53 20.24
CA HIS A 188 -2.12 -7.24 19.89
C HIS A 188 -0.89 -6.34 19.77
N ARG A 189 -1.07 -5.09 20.17
CA ARG A 189 -0.14 -3.95 20.09
C ARG A 189 1.35 -4.26 20.38
N ALA A 190 1.68 -4.92 21.52
CA ALA A 190 3.07 -5.24 21.91
C ALA A 190 3.76 -6.22 20.97
N ALA A 191 3.00 -7.17 20.45
CA ALA A 191 3.54 -8.16 19.54
C ALA A 191 3.72 -7.51 18.15
N ILE A 192 2.73 -6.71 17.71
CA ILE A 192 2.74 -6.01 16.41
C ILE A 192 3.87 -4.98 16.37
N GLU A 193 3.93 -4.04 17.34
CA GLU A 193 4.97 -3.01 17.41
C GLU A 193 6.35 -3.61 17.37
N HIS A 194 6.60 -4.67 18.15
CA HIS A 194 7.90 -5.34 18.18
C HIS A 194 8.26 -5.99 16.85
N ALA A 195 7.32 -6.75 16.23
CA ALA A 195 7.56 -7.48 14.98
C ALA A 195 7.66 -6.59 13.71
N THR A 196 7.12 -5.37 13.75
CA THR A 196 7.14 -4.42 12.63
C THR A 196 8.12 -3.24 12.91
N ALA A 197 9.03 -3.41 13.92
CA ALA A 197 9.98 -2.37 14.41
C ALA A 197 10.66 -1.57 13.34
N PHE A 198 10.86 -0.26 13.60
CA PHE A 198 11.54 0.69 12.71
C PHE A 198 12.94 0.18 12.30
N ASP A 199 13.62 -0.50 13.24
CA ASP A 199 14.96 -1.07 13.07
C ASP A 199 14.97 -2.60 13.05
N LYS A 200 13.83 -3.23 12.69
CA LYS A 200 13.64 -4.69 12.64
C LYS A 200 14.59 -5.50 11.73
N MET A 201 14.92 -5.00 10.51
CA MET A 201 15.83 -5.72 9.60
C MET A 201 17.26 -5.88 10.16
N LYS A 202 17.67 -4.95 11.03
CA LYS A 202 19.00 -4.99 11.68
C LYS A 202 19.02 -6.00 12.86
N GLN A 203 17.83 -6.48 13.31
CA GLN A 203 17.68 -7.35 14.47
C GLN A 203 17.08 -8.73 14.19
N LEU A 204 17.31 -9.31 12.99
CA LEU A 204 16.75 -10.62 12.63
C LEU A 204 17.45 -11.79 13.36
N GLY B 1 0.93 13.87 3.10
CA GLY B 1 1.07 12.55 2.51
C GLY B 1 2.24 12.44 1.55
N VAL B 2 2.06 11.65 0.48
CA VAL B 2 3.09 11.38 -0.54
C VAL B 2 2.80 12.00 -1.90
N LYS B 3 3.87 12.46 -2.57
CA LYS B 3 3.84 12.98 -3.94
C LYS B 3 3.60 11.79 -4.83
N SER B 4 2.94 12.01 -5.97
CA SER B 4 2.59 10.94 -6.89
C SER B 4 2.69 11.32 -8.36
N LEU B 5 2.78 10.29 -9.19
CA LEU B 5 2.88 10.34 -10.63
C LEU B 5 1.67 9.62 -11.21
N LYS B 6 0.98 10.24 -12.17
CA LYS B 6 -0.20 9.64 -12.83
C LYS B 6 0.13 9.37 -14.32
N ARG B 7 0.05 8.09 -14.74
CA ARG B 7 0.35 7.64 -16.10
CA ARG B 7 0.36 7.61 -16.10
C ARG B 7 -0.86 6.95 -16.72
N ARG B 8 -1.11 7.17 -18.04
CA ARG B 8 -2.22 6.57 -18.81
C ARG B 8 -1.72 5.29 -19.49
N ARG B 9 -2.42 4.16 -19.31
CA ARG B 9 -2.02 2.89 -19.89
C ARG B 9 -3.16 2.32 -20.72
N CYS B 10 -2.93 2.08 -22.03
CA CYS B 10 -3.95 1.53 -22.93
C CYS B 10 -3.56 0.14 -23.41
N TYR B 11 -4.53 -0.77 -23.51
CA TYR B 11 -4.24 -2.18 -23.82
C TYR B 11 -4.98 -2.74 -25.06
#